data_8JU9
#
_entry.id   8JU9
#
_cell.length_a   74.319
_cell.length_b   82.855
_cell.length_c   138.622
_cell.angle_alpha   90.000
_cell.angle_beta   90.000
_cell.angle_gamma   90.000
#
_symmetry.space_group_name_H-M   'I 2 2 2'
#
loop_
_entity.id
_entity.type
_entity.pdbx_description
1 polymer 'Probable transcriptional regulator'
2 non-polymer 2-KETO-DEOXY-GALACTOSE
3 non-polymer DI(HYDROXYETHYL)ETHER
4 non-polymer 1-METHOXY-2-[2-(2-METHOXY-ETHOXY]-ETHANE
5 water water
#
_entity_poly.entity_id   1
_entity_poly.type   'polypeptide(L)'
_entity_poly.pdbx_seq_one_letter_code
;MNLLQHIAQSRQQLRKSELKVADHVLNDPASVMHSSMAELAHGVGVSEPTIVRFCRAIGCSGFQDLKLKLAQSLAAGASF
GQFSIHESDSVADFSLKIFDTTLHSLMEVREHLDTHALERAIAAIAHAQRVEFYGFGASGAVASDAQHKFFRLLLSAAAY
SDPHMQAMSAVTLKPSDVAICISQSGRSKDLLITANLVREAGATLITLCPSQTPLADLATVNLAIDVHEDTDIYTPLTSR
IAHLVVIDVLAMGVAMARGPDLVNHLKSVKRSLRSLRLSP
;
_entity_poly.pdbx_strand_id   A
#
loop_
_chem_comp.id
_chem_comp.type
_chem_comp.name
_chem_comp.formula
KDP non-polymer 2-KETO-DEOXY-GALACTOSE 'C6 H11 O9 P'
PEG non-polymer DI(HYDROXYETHYL)ETHER 'C4 H10 O3'
PG5 non-polymer 1-METHOXY-2-[2-(2-METHOXY-ETHOXY]-ETHANE 'C8 H18 O4'
#
# COMPACT_ATOMS: atom_id res chain seq x y z
N MET A 1 11.09 -3.81 -15.23
CA MET A 1 11.27 -4.55 -16.49
C MET A 1 11.03 -6.04 -16.42
N ASN A 2 10.20 -6.51 -15.47
CA ASN A 2 9.59 -7.82 -15.63
C ASN A 2 8.50 -7.59 -16.67
N LEU A 3 8.55 -8.33 -17.77
CA LEU A 3 7.64 -8.02 -18.87
C LEU A 3 6.19 -8.27 -18.49
N LEU A 4 5.91 -9.32 -17.70
CA LEU A 4 4.53 -9.60 -17.31
C LEU A 4 4.00 -8.50 -16.40
N GLN A 5 4.80 -8.05 -15.43
CA GLN A 5 4.40 -6.88 -14.66
C GLN A 5 4.14 -5.68 -15.58
N HIS A 6 5.06 -5.42 -16.50
CA HIS A 6 4.92 -4.27 -17.41
C HIS A 6 3.63 -4.38 -18.22
N ILE A 7 3.29 -5.58 -18.69
CA ILE A 7 2.06 -5.76 -19.46
C ILE A 7 0.85 -5.43 -18.61
N ALA A 8 0.75 -6.05 -17.42
CA ALA A 8 -0.39 -5.78 -16.54
C ALA A 8 -0.53 -4.28 -16.27
N GLN A 9 0.60 -3.59 -16.13
CA GLN A 9 0.56 -2.18 -15.77
C GLN A 9 0.13 -1.27 -16.93
N SER A 10 0.37 -1.67 -18.17
CA SER A 10 0.07 -0.78 -19.30
C SER A 10 -1.18 -1.23 -20.06
N ARG A 11 -2.02 -2.06 -19.43
CA ARG A 11 -3.26 -2.51 -20.05
C ARG A 11 -4.13 -1.34 -20.49
N GLN A 12 -4.15 -0.27 -19.70
CA GLN A 12 -5.07 0.83 -19.98
C GLN A 12 -4.65 1.58 -21.25
N GLN A 13 -3.34 1.70 -21.48
CA GLN A 13 -2.82 2.44 -22.64
C GLN A 13 -2.98 1.70 -23.96
N LEU A 14 -3.60 0.53 -23.96
CA LEU A 14 -3.58 -0.34 -25.13
C LEU A 14 -4.86 -0.21 -25.96
N ARG A 15 -4.69 -0.37 -27.27
CA ARG A 15 -5.81 -0.53 -28.21
C ARG A 15 -6.66 -1.74 -27.82
N LYS A 16 -7.93 -1.72 -28.21
CA LYS A 16 -8.87 -2.74 -27.77
C LYS A 16 -8.43 -4.14 -28.18
N SER A 17 -8.02 -4.30 -29.44
CA SER A 17 -7.57 -5.61 -29.93
C SER A 17 -6.32 -6.06 -29.17
N GLU A 18 -5.43 -5.12 -28.89
CA GLU A 18 -4.18 -5.42 -28.21
C GLU A 18 -4.41 -5.86 -26.77
N LEU A 19 -5.42 -5.28 -26.11
CA LEU A 19 -5.73 -5.66 -24.73
C LEU A 19 -6.17 -7.12 -24.66
N LYS A 20 -6.97 -7.58 -25.64
CA LYS A 20 -7.25 -9.00 -25.74
C LYS A 20 -5.96 -9.82 -25.69
N VAL A 21 -4.93 -9.39 -26.43
CA VAL A 21 -3.65 -10.09 -26.42
C VAL A 21 -3.03 -10.03 -25.02
N ALA A 22 -2.95 -8.82 -24.45
CA ALA A 22 -2.41 -8.65 -23.11
C ALA A 22 -3.05 -9.61 -22.11
N ASP A 23 -4.38 -9.67 -22.06
CA ASP A 23 -5.02 -10.49 -21.03
C ASP A 23 -4.76 -11.98 -21.29
N HIS A 24 -4.75 -12.40 -22.56
CA HIS A 24 -4.41 -13.79 -22.86
C HIS A 24 -2.97 -14.11 -22.41
N VAL A 25 -2.05 -13.15 -22.60
CA VAL A 25 -0.66 -13.41 -22.22
C VAL A 25 -0.54 -13.51 -20.71
N LEU A 26 -1.14 -12.54 -20.01
CA LEU A 26 -1.12 -12.56 -18.55
C LEU A 26 -1.72 -13.84 -18.01
N ASN A 27 -2.70 -14.43 -18.71
CA ASN A 27 -3.38 -15.59 -18.16
C ASN A 27 -2.55 -16.87 -18.27
N ASP A 28 -1.78 -17.04 -19.36
CA ASP A 28 -1.00 -18.27 -19.56
C ASP A 28 0.25 -17.94 -20.37
N PRO A 29 1.21 -17.25 -19.75
CA PRO A 29 2.41 -16.84 -20.51
C PRO A 29 3.23 -18.01 -21.03
N ALA A 30 3.19 -19.16 -20.35
CA ALA A 30 3.99 -20.30 -20.81
C ALA A 30 3.47 -20.89 -22.12
N SER A 31 2.16 -20.86 -22.36
CA SER A 31 1.67 -21.38 -23.64
C SER A 31 2.10 -20.45 -24.79
N VAL A 32 2.08 -19.14 -24.56
CA VAL A 32 2.55 -18.18 -25.55
C VAL A 32 3.99 -18.47 -25.93
N MET A 33 4.84 -18.79 -24.94
CA MET A 33 6.25 -18.97 -25.19
C MET A 33 6.55 -20.09 -26.18
N HIS A 34 5.65 -21.07 -26.28
CA HIS A 34 5.80 -22.16 -27.23
C HIS A 34 4.80 -22.07 -28.39
N SER A 35 4.19 -20.91 -28.58
CA SER A 35 3.24 -20.71 -29.66
C SER A 35 3.91 -20.01 -30.85
N SER A 36 3.44 -20.35 -32.04
CA SER A 36 3.67 -19.56 -33.22
C SER A 36 2.82 -18.31 -33.18
N MET A 37 3.13 -17.36 -34.05
CA MET A 37 2.32 -16.16 -34.16
C MET A 37 0.91 -16.50 -34.60
N ALA A 38 0.77 -17.52 -35.46
CA ALA A 38 -0.55 -17.86 -36.00
C ALA A 38 -1.39 -18.56 -34.95
N GLU A 39 -0.78 -19.46 -34.19
CA GLU A 39 -1.45 -20.11 -33.06
C GLU A 39 -1.95 -19.09 -32.06
N LEU A 40 -1.07 -18.20 -31.61
CA LEU A 40 -1.48 -17.18 -30.65
C LEU A 40 -2.63 -16.35 -31.19
N ALA A 41 -2.52 -15.86 -32.42
CA ALA A 41 -3.59 -15.01 -32.98
C ALA A 41 -4.91 -15.75 -32.99
N HIS A 42 -4.88 -17.04 -33.35
CA HIS A 42 -6.07 -17.85 -33.37
C HIS A 42 -6.62 -18.08 -31.96
N GLY A 43 -5.75 -18.39 -31.01
CA GLY A 43 -6.18 -18.58 -29.62
C GLY A 43 -6.80 -17.34 -29.01
N VAL A 44 -6.25 -16.16 -29.32
CA VAL A 44 -6.77 -14.91 -28.80
C VAL A 44 -7.96 -14.40 -29.62
N GLY A 45 -8.06 -14.84 -30.87
CA GLY A 45 -9.07 -14.31 -31.78
C GLY A 45 -8.78 -12.92 -32.29
N VAL A 46 -7.53 -12.63 -32.65
CA VAL A 46 -7.21 -11.36 -33.29
C VAL A 46 -6.33 -11.64 -34.51
N SER A 47 -6.00 -10.58 -35.22
CA SER A 47 -5.11 -10.70 -36.38
C SER A 47 -3.65 -10.79 -35.95
N GLU A 48 -2.84 -11.41 -36.80
CA GLU A 48 -1.41 -11.48 -36.55
C GLU A 48 -0.78 -10.09 -36.46
N PRO A 49 -1.17 -9.10 -37.26
CA PRO A 49 -0.63 -7.74 -37.03
C PRO A 49 -0.93 -7.22 -35.63
N THR A 50 -2.12 -7.50 -35.10
CA THR A 50 -2.44 -7.07 -33.74
C THR A 50 -1.43 -7.63 -32.75
N ILE A 51 -1.01 -8.88 -32.93
CA ILE A 51 0.06 -9.44 -32.11
C ILE A 51 1.28 -8.52 -32.15
N VAL A 52 1.75 -8.15 -33.36
CA VAL A 52 3.03 -7.46 -33.44
C VAL A 52 2.87 -6.03 -32.93
N ARG A 53 1.70 -5.43 -33.15
CA ARG A 53 1.47 -4.09 -32.60
C ARG A 53 1.51 -4.13 -31.05
N PHE A 54 0.86 -5.14 -30.47
CA PHE A 54 0.96 -5.34 -29.01
C PHE A 54 2.42 -5.40 -28.56
N CYS A 55 3.23 -6.24 -29.22
CA CYS A 55 4.65 -6.33 -28.89
C CYS A 55 5.35 -4.99 -28.90
N ARG A 56 5.16 -4.22 -29.98
CA ARG A 56 5.81 -2.91 -30.08
C ARG A 56 5.22 -1.95 -29.04
N ALA A 57 3.91 -2.03 -28.80
CA ALA A 57 3.25 -1.21 -27.79
C ALA A 57 3.87 -1.37 -26.40
N ILE A 58 4.26 -2.58 -26.02
CA ILE A 58 4.80 -2.81 -24.67
C ILE A 58 6.31 -2.74 -24.70
N GLY A 59 6.88 -2.25 -25.81
CA GLY A 59 8.29 -1.97 -25.91
C GLY A 59 9.17 -3.13 -26.34
N CYS A 60 8.58 -4.20 -26.84
CA CYS A 60 9.35 -5.25 -27.47
C CYS A 60 9.63 -4.91 -28.93
N SER A 61 10.68 -5.50 -29.47
CA SER A 61 11.08 -5.25 -30.85
C SER A 61 10.25 -6.06 -31.85
N GLY A 62 9.49 -7.04 -31.39
CA GLY A 62 8.72 -7.90 -32.25
C GLY A 62 8.35 -9.18 -31.50
N PHE A 63 7.84 -10.15 -32.26
CA PHE A 63 7.31 -11.36 -31.65
C PHE A 63 8.39 -12.16 -30.92
N GLN A 64 9.56 -12.35 -31.53
CA GLN A 64 10.56 -13.19 -30.87
C GLN A 64 11.01 -12.55 -29.55
N ASP A 65 11.15 -11.21 -29.55
CA ASP A 65 11.53 -10.49 -28.35
C ASP A 65 10.50 -10.70 -27.24
N LEU A 66 9.20 -10.65 -27.59
CA LEU A 66 8.16 -10.94 -26.61
C LEU A 66 8.39 -12.30 -25.96
N LYS A 67 8.57 -13.35 -26.77
CA LYS A 67 8.73 -14.68 -26.21
C LYS A 67 9.99 -14.79 -25.36
N LEU A 68 11.07 -14.18 -25.81
CA LEU A 68 12.30 -14.16 -25.03
C LEU A 68 12.09 -13.48 -23.69
N LYS A 69 11.46 -12.32 -23.69
CA LYS A 69 11.27 -11.58 -22.46
C LYS A 69 10.19 -12.21 -21.58
N LEU A 70 9.23 -12.93 -22.17
CA LEU A 70 8.31 -13.71 -21.35
C LEU A 70 9.04 -14.81 -20.60
N ALA A 71 9.93 -15.53 -21.29
CA ALA A 71 10.70 -16.58 -20.61
C ALA A 71 11.52 -16.00 -19.45
N GLN A 72 12.14 -14.84 -19.66
CA GLN A 72 12.88 -14.18 -18.60
C GLN A 72 11.97 -13.67 -17.50
N SER A 73 10.66 -13.58 -17.77
CA SER A 73 9.69 -13.05 -16.84
C SER A 73 9.12 -14.07 -15.86
N LEU A 74 9.29 -15.36 -16.11
CA LEU A 74 8.58 -16.39 -15.34
C LEU A 74 9.30 -16.69 -14.02
N ALA A 75 9.24 -15.72 -13.12
CA ALA A 75 9.75 -15.87 -11.76
C ALA A 75 8.54 -15.82 -10.84
N ALA A 76 8.25 -16.92 -10.15
CA ALA A 76 7.07 -16.94 -9.32
C ALA A 76 7.07 -15.76 -8.36
N GLY A 77 8.26 -15.30 -7.95
CA GLY A 77 8.33 -14.14 -7.07
C GLY A 77 7.73 -12.87 -7.66
N ALA A 78 7.78 -12.72 -8.99
CA ALA A 78 7.32 -11.49 -9.63
C ALA A 78 5.80 -11.38 -9.64
N SER A 79 5.11 -12.47 -9.43
CA SER A 79 3.66 -12.43 -9.20
C SER A 79 3.31 -12.29 -7.72
N PHE A 80 4.27 -12.52 -6.80
CA PHE A 80 4.05 -12.32 -5.37
C PHE A 80 4.15 -10.86 -4.99
N GLY A 81 5.14 -10.16 -5.51
CA GLY A 81 5.38 -8.78 -5.13
C GLY A 81 5.82 -7.96 -6.32
N GLN A 82 5.54 -6.66 -6.24
CA GLN A 82 5.75 -5.73 -7.36
C GLN A 82 7.21 -5.28 -7.34
N PHE A 83 8.07 -6.21 -7.69
CA PHE A 83 9.50 -6.00 -7.84
C PHE A 83 9.89 -6.63 -9.17
N SER A 84 10.82 -5.99 -9.88
CA SER A 84 11.21 -6.41 -11.22
C SER A 84 12.19 -7.58 -11.15
N ILE A 85 11.66 -8.71 -10.74
CA ILE A 85 12.45 -9.92 -10.55
C ILE A 85 12.41 -10.73 -11.83
N HIS A 86 13.54 -11.33 -12.20
CA HIS A 86 13.59 -12.19 -13.37
C HIS A 86 13.82 -13.64 -12.99
N GLU A 87 13.44 -14.50 -13.93
CA GLU A 87 13.51 -15.94 -13.75
C GLU A 87 14.86 -16.38 -13.21
N SER A 88 15.95 -15.78 -13.68
CA SER A 88 17.29 -16.23 -13.31
C SER A 88 17.81 -15.63 -12.02
N ASP A 89 17.04 -14.81 -11.31
CA ASP A 89 17.61 -14.01 -10.24
C ASP A 89 17.98 -14.89 -9.07
N SER A 90 19.09 -14.54 -8.43
CA SER A 90 19.52 -15.16 -7.19
C SER A 90 19.23 -14.22 -6.03
N VAL A 91 19.38 -14.74 -4.81
CA VAL A 91 19.12 -13.93 -3.63
C VAL A 91 19.91 -12.62 -3.70
N ALA A 92 21.14 -12.69 -4.22
CA ALA A 92 21.93 -11.47 -4.30
C ALA A 92 21.21 -10.42 -5.15
N ASP A 93 20.55 -10.89 -6.21
CA ASP A 93 19.82 -9.98 -7.10
C ASP A 93 18.53 -9.48 -6.45
N PHE A 94 17.67 -10.40 -5.98
CA PHE A 94 16.35 -9.89 -5.60
C PHE A 94 16.34 -9.25 -4.21
N SER A 95 17.29 -9.58 -3.34
CA SER A 95 17.39 -8.88 -2.06
C SER A 95 17.72 -7.41 -2.31
N LEU A 96 18.67 -7.13 -3.19
CA LEU A 96 18.98 -5.73 -3.49
C LEU A 96 17.84 -5.04 -4.21
N LYS A 97 17.20 -5.73 -5.15
CA LYS A 97 16.06 -5.16 -5.87
C LYS A 97 14.96 -4.77 -4.89
N ILE A 98 14.70 -5.63 -3.89
CA ILE A 98 13.63 -5.37 -2.95
C ILE A 98 13.97 -4.15 -2.10
N PHE A 99 15.19 -4.11 -1.55
CA PHE A 99 15.62 -2.93 -0.80
C PHE A 99 15.55 -1.68 -1.67
N ASP A 100 16.09 -1.74 -2.90
CA ASP A 100 16.14 -0.56 -3.76
C ASP A 100 14.76 -0.07 -4.09
N THR A 101 13.83 -0.99 -4.38
CA THR A 101 12.47 -0.58 -4.69
C THR A 101 11.84 0.10 -3.48
N THR A 102 12.02 -0.48 -2.30
CA THR A 102 11.48 0.11 -1.09
C THR A 102 12.07 1.49 -0.83
N LEU A 103 13.40 1.63 -0.98
CA LEU A 103 14.07 2.92 -0.82
C LEU A 103 13.52 3.95 -1.80
N HIS A 104 13.39 3.56 -3.07
CA HIS A 104 12.80 4.44 -4.08
C HIS A 104 11.38 4.88 -3.70
N SER A 105 10.52 3.94 -3.29
CA SER A 105 9.15 4.32 -2.96
C SER A 105 9.12 5.27 -1.77
N LEU A 106 9.89 4.97 -0.73
CA LEU A 106 9.97 5.89 0.38
C LEU A 106 10.48 7.26 -0.05
N MET A 107 11.48 7.30 -0.95
CA MET A 107 11.97 8.58 -1.42
C MET A 107 10.88 9.34 -2.15
N GLU A 108 10.08 8.64 -2.96
CA GLU A 108 8.97 9.28 -3.66
C GLU A 108 7.92 9.81 -2.70
N VAL A 109 7.53 8.98 -1.72
CA VAL A 109 6.56 9.44 -0.72
C VAL A 109 7.07 10.70 -0.04
N ARG A 110 8.34 10.66 0.39
CA ARG A 110 8.98 11.82 1.03
C ARG A 110 8.89 13.06 0.13
N GLU A 111 9.14 12.88 -1.15
CA GLU A 111 9.14 14.00 -2.09
C GLU A 111 7.74 14.59 -2.26
N HIS A 112 6.71 13.78 -2.10
CA HIS A 112 5.33 14.19 -2.39
C HIS A 112 4.54 14.49 -1.12
N LEU A 113 5.19 14.49 0.04
CA LEU A 113 4.46 14.73 1.27
C LEU A 113 3.68 16.02 1.22
N ASP A 114 2.42 15.94 1.67
CA ASP A 114 1.61 17.13 1.98
C ASP A 114 1.89 17.48 3.44
N THR A 115 2.88 18.37 3.61
CA THR A 115 3.35 18.74 4.95
C THR A 115 2.23 19.39 5.75
N HIS A 116 1.41 20.19 5.08
CA HIS A 116 0.30 20.83 5.79
C HIS A 116 -0.68 19.80 6.31
N ALA A 117 -1.00 18.78 5.51
CA ALA A 117 -1.92 17.76 5.99
C ALA A 117 -1.32 17.02 7.19
N LEU A 118 0.01 16.80 7.20
CA LEU A 118 0.65 16.21 8.38
C LEU A 118 0.46 17.09 9.61
N GLU A 119 0.73 18.39 9.48
CA GLU A 119 0.54 19.29 10.61
C GLU A 119 -0.87 19.18 11.16
N ARG A 120 -1.86 19.11 10.26
CA ARG A 120 -3.25 19.11 10.71
C ARG A 120 -3.61 17.79 11.38
N ALA A 121 -3.11 16.69 10.84
CA ALA A 121 -3.31 15.39 11.46
C ALA A 121 -2.65 15.35 12.83
N ILE A 122 -1.40 15.81 12.92
CA ILE A 122 -0.72 15.82 14.22
C ILE A 122 -1.52 16.63 15.22
N ALA A 123 -2.00 17.79 14.81
CA ALA A 123 -2.71 18.64 15.76
C ALA A 123 -4.01 17.99 16.23
N ALA A 124 -4.76 17.36 15.33
CA ALA A 124 -6.00 16.72 15.76
C ALA A 124 -5.71 15.62 16.78
N ILE A 125 -4.70 14.79 16.51
CA ILE A 125 -4.39 13.68 17.43
C ILE A 125 -3.93 14.23 18.76
N ALA A 126 -3.16 15.30 18.74
CA ALA A 126 -2.58 15.86 19.96
C ALA A 126 -3.64 16.44 20.89
N HIS A 127 -4.84 16.74 20.38
CA HIS A 127 -5.93 17.22 21.21
C HIS A 127 -6.96 16.16 21.51
N ALA A 128 -6.74 14.93 21.05
CA ALA A 128 -7.69 13.85 21.28
C ALA A 128 -7.47 13.12 22.59
N GLN A 129 -8.57 12.64 23.15
CA GLN A 129 -8.50 11.66 24.23
C GLN A 129 -8.33 10.24 23.69
N ARG A 130 -8.90 9.92 22.53
CA ARG A 130 -8.80 8.60 21.93
C ARG A 130 -8.29 8.72 20.50
N VAL A 131 -7.39 7.82 20.10
CA VAL A 131 -7.02 7.68 18.69
C VAL A 131 -7.17 6.21 18.35
N GLU A 132 -7.84 5.93 17.23
CA GLU A 132 -8.13 4.55 16.84
C GLU A 132 -7.61 4.34 15.44
N PHE A 133 -7.11 3.13 15.19
CA PHE A 133 -6.54 2.78 13.90
C PHE A 133 -7.34 1.63 13.32
N TYR A 134 -7.83 1.81 12.10
CA TYR A 134 -8.69 0.86 11.43
C TYR A 134 -8.09 0.46 10.10
N GLY A 135 -8.00 -0.84 9.86
CA GLY A 135 -7.60 -1.35 8.57
C GLY A 135 -7.77 -2.84 8.56
N PHE A 136 -7.68 -3.41 7.36
CA PHE A 136 -7.77 -4.85 7.17
C PHE A 136 -6.52 -5.37 6.47
N GLY A 137 -6.31 -6.68 6.60
CA GLY A 137 -5.18 -7.32 5.95
C GLY A 137 -3.88 -6.67 6.34
N ALA A 138 -3.10 -6.30 5.34
CA ALA A 138 -1.83 -5.61 5.62
C ALA A 138 -2.04 -4.34 6.41
N SER A 139 -3.12 -3.61 6.11
CA SER A 139 -3.40 -2.35 6.82
C SER A 139 -3.87 -2.63 8.24
N GLY A 140 -4.35 -3.84 8.52
CA GLY A 140 -4.66 -4.21 9.90
C GLY A 140 -3.40 -4.42 10.72
N ALA A 141 -2.36 -5.00 10.10
CA ALA A 141 -1.09 -5.09 10.80
C ALA A 141 -0.51 -3.71 11.06
N VAL A 142 -0.60 -2.80 10.06
CA VAL A 142 -0.15 -1.42 10.27
C VAL A 142 -0.91 -0.78 11.43
N ALA A 143 -2.22 -0.97 11.45
CA ALA A 143 -3.03 -0.46 12.57
C ALA A 143 -2.49 -0.93 13.93
N SER A 144 -2.24 -2.24 14.08
CA SER A 144 -1.74 -2.74 15.35
C SER A 144 -0.34 -2.25 15.66
N ASP A 145 0.52 -2.18 14.65
CA ASP A 145 1.85 -1.57 14.81
C ASP A 145 1.74 -0.15 15.33
N ALA A 146 0.81 0.62 14.76
CA ALA A 146 0.61 2.00 15.20
C ALA A 146 0.15 2.09 16.64
N GLN A 147 -0.80 1.23 17.04
CA GLN A 147 -1.29 1.27 18.41
C GLN A 147 -0.15 1.03 19.40
N HIS A 148 0.79 0.15 19.03
CA HIS A 148 1.95 -0.10 19.86
C HIS A 148 2.87 1.13 19.97
N LYS A 149 2.95 1.97 18.94
CA LYS A 149 3.72 3.19 19.08
C LYS A 149 2.96 4.22 19.89
N PHE A 150 1.66 4.35 19.65
CA PHE A 150 0.92 5.47 20.20
C PHE A 150 0.44 5.29 21.64
N PHE A 151 0.32 4.07 22.15
CA PHE A 151 -0.32 3.94 23.48
C PHE A 151 0.45 4.71 24.55
N ARG A 152 1.74 4.95 24.34
CA ARG A 152 2.56 5.63 25.32
C ARG A 152 2.48 7.16 25.28
N LEU A 153 1.64 7.74 24.43
CA LEU A 153 1.65 9.18 24.21
C LEU A 153 0.52 9.90 24.96
N LEU A 154 0.12 9.38 26.11
CA LEU A 154 -0.78 10.08 27.01
C LEU A 154 -2.15 10.25 26.39
N LEU A 155 -2.56 9.26 25.61
CA LEU A 155 -3.94 9.13 25.19
C LEU A 155 -4.27 7.65 25.12
N SER A 156 -5.54 7.35 24.85
CA SER A 156 -6.00 5.97 24.73
C SER A 156 -5.97 5.57 23.25
N ALA A 157 -5.21 4.54 22.93
CA ALA A 157 -4.99 4.11 21.55
C ALA A 157 -5.49 2.69 21.37
N ALA A 158 -6.22 2.45 20.27
CA ALA A 158 -6.75 1.14 19.96
C ALA A 158 -6.71 0.89 18.46
N ALA A 159 -6.60 -0.38 18.09
CA ALA A 159 -6.59 -0.81 16.71
C ALA A 159 -7.59 -1.96 16.52
N TYR A 160 -8.29 -2.00 15.39
CA TYR A 160 -9.24 -3.05 15.09
C TYR A 160 -9.23 -3.39 13.61
N SER A 161 -9.10 -4.68 13.29
CA SER A 161 -9.30 -5.20 11.93
C SER A 161 -10.57 -6.04 11.83
N ASP A 162 -11.39 -6.03 12.87
CA ASP A 162 -12.71 -6.67 12.86
C ASP A 162 -13.72 -5.58 12.53
N PRO A 163 -14.45 -5.66 11.42
CA PRO A 163 -15.29 -4.51 11.03
C PRO A 163 -16.41 -4.25 12.00
N HIS A 164 -16.88 -5.26 12.71
CA HIS A 164 -17.93 -5.06 13.70
C HIS A 164 -17.39 -4.30 14.90
N MET A 165 -16.19 -4.66 15.38
CA MET A 165 -15.57 -3.87 16.44
C MET A 165 -15.30 -2.45 15.98
N GLN A 166 -14.87 -2.27 14.72
CA GLN A 166 -14.62 -0.92 14.19
C GLN A 166 -15.89 -0.06 14.26
N ALA A 167 -17.00 -0.60 13.76
CA ALA A 167 -18.24 0.18 13.71
C ALA A 167 -18.71 0.54 15.11
N MET A 168 -18.68 -0.43 16.04
CA MET A 168 -19.18 -0.18 17.38
C MET A 168 -18.29 0.78 18.13
N SER A 169 -16.98 0.67 17.92
CA SER A 169 -16.06 1.61 18.56
C SER A 169 -16.18 3.00 17.95
N ALA A 170 -16.31 3.07 16.62
CA ALA A 170 -16.39 4.37 15.96
C ALA A 170 -17.56 5.21 16.48
N VAL A 171 -18.75 4.59 16.66
CA VAL A 171 -19.88 5.42 17.06
C VAL A 171 -19.72 5.94 18.49
N THR A 172 -18.82 5.37 19.28
CA THR A 172 -18.61 5.88 20.64
C THR A 172 -17.59 7.01 20.71
N LEU A 173 -16.99 7.40 19.59
CA LEU A 173 -16.00 8.47 19.59
C LEU A 173 -16.67 9.82 19.84
N LYS A 174 -15.99 10.68 20.58
CA LYS A 174 -16.36 12.07 20.70
C LYS A 174 -15.86 12.91 19.52
N PRO A 175 -16.48 14.08 19.30
CA PRO A 175 -16.00 14.96 18.22
C PRO A 175 -14.53 15.33 18.31
N SER A 176 -13.93 15.39 19.50
CA SER A 176 -12.52 15.73 19.64
C SER A 176 -11.58 14.55 19.42
N ASP A 177 -12.12 13.34 19.27
CA ASP A 177 -11.34 12.14 19.08
C ASP A 177 -10.98 11.96 17.61
N VAL A 178 -10.12 10.99 17.35
CA VAL A 178 -9.53 10.79 16.04
C VAL A 178 -9.53 9.32 15.68
N ALA A 179 -9.89 9.04 14.43
CA ALA A 179 -9.71 7.73 13.84
C ALA A 179 -8.86 7.88 12.60
N ILE A 180 -7.97 6.93 12.42
CA ILE A 180 -7.10 6.85 11.26
C ILE A 180 -7.48 5.58 10.52
N CYS A 181 -8.01 5.73 9.32
CA CYS A 181 -8.33 4.59 8.47
C CYS A 181 -7.18 4.40 7.50
N ILE A 182 -6.66 3.18 7.42
CA ILE A 182 -5.44 2.88 6.68
C ILE A 182 -5.81 1.96 5.53
N SER A 183 -5.41 2.31 4.31
CA SER A 183 -5.87 1.56 3.15
C SER A 183 -4.98 1.88 1.96
N GLN A 184 -4.38 0.87 1.36
CA GLN A 184 -3.60 1.12 0.18
C GLN A 184 -4.49 1.32 -1.04
N SER A 185 -5.62 0.65 -1.11
CA SER A 185 -6.54 0.82 -2.23
C SER A 185 -7.51 1.99 -2.03
N GLY A 186 -7.82 2.32 -0.78
CA GLY A 186 -8.90 3.25 -0.52
C GLY A 186 -10.26 2.75 -0.90
N ARG A 187 -10.38 1.45 -1.16
CA ARG A 187 -11.61 0.88 -1.69
C ARG A 187 -12.19 -0.26 -0.88
N SER A 188 -11.65 -0.55 0.30
CA SER A 188 -12.22 -1.60 1.15
C SER A 188 -13.59 -1.19 1.68
N LYS A 189 -14.62 -1.95 1.30
CA LYS A 189 -16.01 -1.56 1.55
C LYS A 189 -16.34 -1.40 3.03
N ASP A 190 -15.95 -2.36 3.88
CA ASP A 190 -16.23 -2.22 5.31
C ASP A 190 -15.58 -0.99 5.90
N LEU A 191 -14.41 -0.62 5.38
CA LEU A 191 -13.71 0.53 5.90
C LEU A 191 -14.43 1.82 5.54
N LEU A 192 -15.14 1.85 4.41
CA LEU A 192 -15.93 3.03 4.07
C LEU A 192 -17.14 3.16 5.00
N ILE A 193 -17.71 2.04 5.42
CA ILE A 193 -18.78 2.04 6.44
C ILE A 193 -18.24 2.62 7.73
N THR A 194 -17.10 2.10 8.20
CA THR A 194 -16.46 2.62 9.40
C THR A 194 -16.17 4.11 9.28
N ALA A 195 -15.58 4.53 8.15
CA ALA A 195 -15.24 5.94 7.98
C ALA A 195 -16.49 6.82 8.04
N ASN A 196 -17.58 6.39 7.43
CA ASN A 196 -18.81 7.18 7.52
C ASN A 196 -19.31 7.28 8.95
N LEU A 197 -19.22 6.19 9.74
CA LEU A 197 -19.62 6.24 11.14
C LEU A 197 -18.74 7.21 11.94
N VAL A 198 -17.44 7.27 11.63
CA VAL A 198 -16.58 8.25 12.30
C VAL A 198 -17.05 9.67 11.98
N ARG A 199 -17.36 9.94 10.71
CA ARG A 199 -17.83 11.27 10.34
C ARG A 199 -19.13 11.60 11.07
N GLU A 200 -20.08 10.66 11.09
CA GLU A 200 -21.38 10.91 11.73
C GLU A 200 -21.24 11.08 13.23
N ALA A 201 -20.18 10.54 13.84
CA ALA A 201 -19.91 10.81 15.25
C ALA A 201 -19.35 12.21 15.48
N GLY A 202 -18.99 12.92 14.40
CA GLY A 202 -18.36 14.20 14.54
C GLY A 202 -16.86 14.17 14.72
N ALA A 203 -16.25 12.99 14.83
CA ALA A 203 -14.83 12.89 15.10
C ALA A 203 -14.01 13.18 13.85
N THR A 204 -12.71 13.38 14.04
CA THR A 204 -11.81 13.64 12.95
C THR A 204 -11.39 12.34 12.28
N LEU A 205 -11.59 12.27 10.97
CA LEU A 205 -11.19 11.12 10.18
C LEU A 205 -9.93 11.47 9.41
N ILE A 206 -8.83 10.78 9.75
CA ILE A 206 -7.58 10.89 9.00
C ILE A 206 -7.48 9.66 8.11
N THR A 207 -7.28 9.87 6.81
CA THR A 207 -7.16 8.74 5.89
C THR A 207 -5.72 8.62 5.45
N LEU A 208 -5.14 7.45 5.65
CA LEU A 208 -3.78 7.12 5.27
C LEU A 208 -3.95 6.21 4.06
N CYS A 209 -4.06 6.81 2.88
CA CYS A 209 -4.41 6.12 1.64
C CYS A 209 -4.09 7.04 0.45
N PRO A 210 -4.23 6.57 -0.78
CA PRO A 210 -3.97 7.44 -1.93
C PRO A 210 -5.05 8.47 -2.12
N SER A 211 -4.68 9.57 -2.79
CA SER A 211 -5.68 10.59 -3.09
C SER A 211 -6.65 10.09 -4.16
N GLN A 212 -7.80 10.73 -4.23
CA GLN A 212 -8.80 10.47 -5.26
C GLN A 212 -9.47 9.12 -5.10
N THR A 213 -9.35 8.49 -3.97
CA THR A 213 -10.01 7.21 -3.73
C THR A 213 -11.29 7.45 -2.98
N PRO A 214 -12.19 6.46 -2.95
CA PRO A 214 -13.42 6.63 -2.16
C PRO A 214 -13.12 6.94 -0.71
N LEU A 215 -12.10 6.30 -0.12
CA LEU A 215 -11.83 6.58 1.29
C LEU A 215 -11.37 8.02 1.45
N ALA A 216 -10.46 8.45 0.59
CA ALA A 216 -9.93 9.81 0.73
C ALA A 216 -11.03 10.85 0.64
N ASP A 217 -12.06 10.58 -0.16
CA ASP A 217 -13.14 11.54 -0.32
C ASP A 217 -13.89 11.78 0.98
N LEU A 218 -13.85 10.82 1.91
CA LEU A 218 -14.53 11.02 3.18
C LEU A 218 -13.68 11.75 4.23
N ALA A 219 -12.42 12.00 3.95
CA ALA A 219 -11.49 12.34 5.02
C ALA A 219 -11.77 13.73 5.59
N THR A 220 -11.58 13.86 6.89
CA THR A 220 -11.34 15.18 7.44
C THR A 220 -9.95 15.67 7.02
N VAL A 221 -8.93 14.82 7.22
CA VAL A 221 -7.56 15.10 6.80
C VAL A 221 -7.12 13.93 5.94
N ASN A 222 -6.85 14.20 4.68
CA ASN A 222 -6.35 13.17 3.78
C ASN A 222 -4.84 13.29 3.73
N LEU A 223 -4.13 12.21 4.06
CA LEU A 223 -2.69 12.28 4.02
C LEU A 223 -2.10 12.07 2.64
N ALA A 224 -2.87 11.53 1.69
CA ALA A 224 -2.49 11.46 0.29
C ALA A 224 -1.11 10.79 0.12
N ILE A 225 -1.10 9.49 0.43
CA ILE A 225 0.09 8.67 0.30
C ILE A 225 -0.06 7.85 -0.98
N ASP A 226 0.51 8.35 -2.07
CA ASP A 226 0.30 7.79 -3.41
C ASP A 226 1.43 6.84 -3.79
N VAL A 227 1.61 5.81 -2.96
CA VAL A 227 2.54 4.74 -3.29
C VAL A 227 1.94 3.96 -4.45
N HIS A 228 2.74 3.69 -5.47
CA HIS A 228 2.27 2.99 -6.67
C HIS A 228 2.58 1.51 -6.47
N GLU A 229 1.65 0.82 -5.82
CA GLU A 229 1.73 -0.63 -5.69
C GLU A 229 0.33 -1.16 -5.99
N ASP A 230 0.22 -2.01 -7.01
CA ASP A 230 -1.09 -2.50 -7.44
C ASP A 230 -1.47 -3.72 -6.62
N THR A 231 -2.19 -3.48 -5.53
CA THR A 231 -2.55 -4.55 -4.61
C THR A 231 -3.83 -5.28 -5.00
N ASP A 232 -4.42 -4.97 -6.17
CA ASP A 232 -5.38 -5.90 -6.74
C ASP A 232 -4.68 -7.10 -7.36
N ILE A 233 -3.37 -6.98 -7.57
CA ILE A 233 -2.56 -7.99 -8.23
C ILE A 233 -1.45 -8.54 -7.34
N TYR A 234 -0.75 -7.67 -6.61
CA TYR A 234 0.44 -8.05 -5.86
C TYR A 234 0.17 -7.99 -4.34
N THR A 235 0.99 -8.72 -3.60
CA THR A 235 0.97 -8.65 -2.15
C THR A 235 1.33 -7.24 -1.71
N PRO A 236 0.59 -6.63 -0.78
CA PRO A 236 1.01 -5.30 -0.30
C PRO A 236 2.31 -5.45 0.48
N LEU A 237 3.31 -4.66 0.13
CA LEU A 237 4.63 -4.79 0.72
C LEU A 237 5.20 -3.39 0.90
N THR A 238 5.52 -2.77 -0.22
CA THR A 238 6.10 -1.43 -0.20
C THR A 238 5.10 -0.43 0.35
N SER A 239 3.82 -0.60 0.01
CA SER A 239 2.78 0.30 0.51
C SER A 239 2.72 0.33 2.04
N ARG A 240 2.78 -0.84 2.71
CA ARG A 240 2.66 -0.82 4.16
C ARG A 240 3.93 -0.30 4.84
N ILE A 241 5.11 -0.35 4.19
CA ILE A 241 6.29 0.30 4.75
C ILE A 241 6.11 1.81 4.76
N ALA A 242 5.64 2.37 3.65
CA ALA A 242 5.37 3.80 3.59
C ALA A 242 4.37 4.22 4.64
N HIS A 243 3.28 3.47 4.77
CA HIS A 243 2.29 3.78 5.80
C HIS A 243 2.92 3.82 7.20
N LEU A 244 3.77 2.84 7.51
CA LEU A 244 4.37 2.79 8.84
C LEU A 244 5.30 3.98 9.08
N VAL A 245 6.06 4.40 8.05
CA VAL A 245 6.92 5.57 8.22
C VAL A 245 6.08 6.82 8.44
N VAL A 246 4.98 6.96 7.69
CA VAL A 246 4.07 8.09 7.95
C VAL A 246 3.51 8.03 9.36
N ILE A 247 3.10 6.84 9.81
CA ILE A 247 2.67 6.68 11.20
C ILE A 247 3.73 7.19 12.18
N ASP A 248 5.00 6.87 11.91
CA ASP A 248 6.09 7.32 12.78
C ASP A 248 6.19 8.86 12.81
N VAL A 249 5.96 9.52 11.68
CA VAL A 249 5.96 10.99 11.66
C VAL A 249 4.84 11.52 12.52
N LEU A 250 3.64 10.92 12.43
CA LEU A 250 2.52 11.38 13.23
C LEU A 250 2.81 11.21 14.71
N ALA A 251 3.36 10.06 15.11
CA ALA A 251 3.70 9.83 16.50
C ALA A 251 4.75 10.81 16.98
N MET A 252 5.81 10.98 16.20
CA MET A 252 6.81 11.98 16.57
C MET A 252 6.17 13.36 16.75
N GLY A 253 5.27 13.73 15.84
CA GLY A 253 4.62 15.01 15.96
C GLY A 253 3.81 15.14 17.23
N VAL A 254 3.10 14.08 17.60
CA VAL A 254 2.31 14.12 18.82
C VAL A 254 3.23 14.19 20.02
N ALA A 255 4.32 13.43 19.99
CA ALA A 255 5.29 13.51 21.09
C ALA A 255 5.81 14.94 21.23
N MET A 256 6.12 15.59 20.11
CA MET A 256 6.64 16.96 20.18
C MET A 256 5.63 17.86 20.89
N ALA A 257 4.34 17.61 20.67
CA ALA A 257 3.29 18.44 21.26
C ALA A 257 3.13 18.23 22.75
N ARG A 258 3.62 17.11 23.29
CA ARG A 258 3.49 16.89 24.72
C ARG A 258 4.51 17.72 25.48
N GLY A 259 4.24 17.95 26.76
CA GLY A 259 5.19 18.71 27.54
C GLY A 259 6.57 18.07 27.64
N PRO A 260 7.44 18.69 28.43
CA PRO A 260 8.57 17.94 29.00
C PRO A 260 8.10 16.86 29.94
N ASP A 261 6.80 16.82 30.28
CA ASP A 261 6.27 15.76 31.13
C ASP A 261 6.41 14.39 30.47
N LEU A 262 6.46 14.35 29.14
CA LEU A 262 6.43 13.08 28.44
C LEU A 262 7.67 12.27 28.76
N VAL A 263 8.82 12.93 28.92
CA VAL A 263 10.08 12.22 29.11
C VAL A 263 9.99 11.26 30.28
N ASN A 264 9.48 11.72 31.43
CA ASN A 264 9.44 10.83 32.58
C ASN A 264 8.39 9.75 32.40
N HIS A 265 7.33 10.04 31.64
CA HIS A 265 6.34 9.02 31.29
C HIS A 265 7.00 7.92 30.48
N LEU A 266 7.80 8.29 29.46
CA LEU A 266 8.50 7.30 28.64
C LEU A 266 9.59 6.58 29.42
N LYS A 267 10.24 7.24 30.38
CA LYS A 267 11.18 6.50 31.22
C LYS A 267 10.47 5.40 31.97
N SER A 268 9.30 5.71 32.55
CA SER A 268 8.50 4.70 33.24
C SER A 268 8.15 3.54 32.31
N VAL A 269 7.69 3.85 31.10
CA VAL A 269 7.32 2.81 30.16
C VAL A 269 8.51 1.93 29.88
N LYS A 270 9.67 2.54 29.62
CA LYS A 270 10.85 1.73 29.30
C LYS A 270 11.34 0.95 30.51
N ARG A 271 11.23 1.55 31.70
CA ARG A 271 11.64 0.86 32.94
C ARG A 271 10.79 -0.39 33.20
N SER A 272 9.54 -0.40 32.75
CA SER A 272 8.67 -1.57 33.01
C SER A 272 9.20 -2.82 32.33
N LEU A 273 10.04 -2.69 31.30
CA LEU A 273 10.56 -3.85 30.57
C LEU A 273 11.79 -4.48 31.21
N ARG A 274 12.30 -3.93 32.32
CA ARG A 274 13.60 -4.39 32.83
C ARG A 274 13.56 -5.86 33.25
N SER A 275 12.47 -6.28 33.91
CA SER A 275 12.28 -7.67 34.32
C SER A 275 12.14 -8.65 33.17
N LEU A 276 11.80 -8.14 31.98
CA LEU A 276 11.43 -8.98 30.84
C LEU A 276 12.55 -9.14 29.84
N ARG A 277 13.57 -8.31 29.95
CA ARG A 277 14.67 -8.25 29.01
C ARG A 277 15.98 -8.31 29.77
N LEU A 278 16.90 -9.14 29.28
CA LEU A 278 18.23 -9.20 29.86
C LEU A 278 18.94 -7.86 29.73
N SER A 279 19.67 -7.50 30.77
CA SER A 279 20.43 -6.25 30.76
C SER A 279 21.46 -6.27 29.63
N PRO A 280 21.84 -5.09 29.13
CA PRO A 280 22.93 -4.99 28.13
C PRO A 280 24.34 -5.06 28.71
OAH KDP B . -5.29 -1.75 2.44
PAP KDP B . -6.56 -2.11 1.71
OAC KDP B . -6.46 -1.52 0.30
OAG KDP B . -7.80 -1.51 2.34
OAK KDP B . -6.92 -3.72 1.76
CAI KDP B . -6.66 -4.70 2.80
CAN KDP B . -5.41 -5.32 2.11
OAD KDP B . -4.31 -5.83 2.73
CAO KDP B . -6.07 -6.47 1.26
OAE KDP B . -7.45 -6.43 1.56
CAJ KDP B . -5.28 -7.72 1.48
CAM KDP B . -4.38 -7.90 0.27
CAL KDP B . -3.47 -9.09 0.27
OAA KDP B . -3.07 -9.60 1.34
OAF KDP B . -3.13 -9.56 -0.84
OXT KDP B . -4.36 -7.19 -0.70
HAI1 KDP B . -7.38 -5.33 2.92
HAI2 KDP B . -6.45 -4.29 3.66
HAN KDP B . -4.96 -4.56 1.72
HAD KDP B . -3.64 -5.34 2.56
HAO KDP B . -6.03 -6.37 0.29
HAE KDP B . -7.85 -5.93 1.00
HAJ1 KDP B . -4.76 -7.65 2.30
HAJ2 KDP B . -5.89 -8.48 1.56
C1 PEG C . -6.52 16.98 25.41
O1 PEG C . -7.07 16.64 26.66
C2 PEG C . -5.10 16.45 25.27
O2 PEG C . -4.95 15.28 26.01
C3 PEG C . -3.59 14.92 26.20
C4 PEG C . -3.03 15.59 27.46
O4 PEG C . -1.97 14.82 27.95
H11 PEG C . -7.07 16.60 24.71
H12 PEG C . -6.51 17.95 25.33
HO1 PEG C . -7.88 16.88 26.69
H21 PEG C . -4.48 17.12 25.60
H22 PEG C . -4.91 16.27 24.34
H31 PEG C . -3.52 13.96 26.28
H32 PEG C . -3.08 15.21 25.43
H41 PEG C . -2.72 16.48 27.24
H42 PEG C . -3.73 15.65 28.13
HO4 PEG C . -1.70 15.15 28.68
C1 PEG D . 1.11 10.92 -7.15
O1 PEG D . 0.12 10.30 -7.92
C2 PEG D . 2.44 10.75 -7.86
O2 PEG D . 3.39 10.16 -7.02
C3 PEG D . 4.68 10.02 -7.54
C4 PEG D . 4.73 9.73 -9.05
O4 PEG D . 5.89 8.99 -9.35
H11 PEG D . 0.91 11.87 -7.06
H12 PEG D . 1.15 10.51 -6.27
HO1 PEG D . -0.65 10.52 -7.63
H21 PEG D . 2.32 10.18 -8.64
H22 PEG D . 2.77 11.61 -8.16
H31 PEG D . 5.13 9.30 -7.08
H32 PEG D . 5.17 10.85 -7.38
H41 PEG D . 4.75 10.57 -9.54
H42 PEG D . 3.95 9.23 -9.29
HO4 PEG D . 5.93 8.88 -10.19
C1 PG5 E . -4.04 -11.69 -9.89
O1 PG5 E . -2.83 -12.36 -10.21
C2 PG5 E . -2.00 -12.71 -9.12
C3 PG5 E . -0.54 -12.89 -9.54
O2 PG5 E . -0.24 -12.43 -10.85
C4 PG5 E . 0.69 -11.39 -11.05
C5 PG5 E . 1.63 -11.77 -12.21
O3 PG5 E . 2.70 -10.87 -12.48
C6 PG5 E . 3.98 -11.29 -12.94
C7 PG5 E . 4.06 -12.70 -13.56
O4 PG5 E . 5.19 -13.47 -13.23
C8 PG5 E . 4.95 -14.86 -13.10
H11 PG5 E . -4.62 -12.28 -9.38
H12 PG5 E . -4.49 -11.41 -10.70
H13 PG5 E . -3.83 -10.90 -9.34
H21 PG5 E . -2.33 -13.53 -8.73
H22 PG5 E . -2.05 -12.00 -8.46
H31 PG5 E . -0.34 -13.84 -9.51
H32 PG5 E . 0.02 -12.42 -8.92
H41 PG5 E . 1.21 -11.27 -10.24
H42 PG5 E . 0.22 -10.57 -11.27
H51 PG5 E . 2.02 -12.63 -12.01
H52 PG5 E . 1.10 -11.84 -13.02
H61 PG5 E . 4.28 -10.66 -13.62
H62 PG5 E . 4.60 -11.27 -12.18
H71 PG5 E . 4.03 -12.60 -14.52
H72 PG5 E . 3.27 -13.19 -13.26
H81 PG5 E . 4.55 -15.03 -12.23
H82 PG5 E . 4.34 -15.16 -13.80
H83 PG5 E . 5.79 -15.34 -13.17
#